data_7DK0
#
_entry.id   7DK0
#
_cell.length_a   87.000
_cell.length_b   87.000
_cell.length_c   216.500
_cell.angle_alpha   90.000
_cell.angle_beta   90.000
_cell.angle_gamma   120.000
#
_symmetry.space_group_name_H-M   'P 32 2 1'
#
loop_
_entity.id
_entity.type
_entity.pdbx_description
1 polymer 'MW05 heavy chain'
2 polymer 'MW05 light chain'
3 polymer 'Spike protein S1'
4 non-polymer 2-acetamido-2-deoxy-beta-D-glucopyranose
#
loop_
_entity_poly.entity_id
_entity_poly.type
_entity_poly.pdbx_seq_one_letter_code
_entity_poly.pdbx_strand_id
1 'polypeptide(L)'
;EVQLVQSGAEVKKPGSSVKVSCKASGGTFSSYAISWVRQAPGQGLEWMGRIIPIFGSSNYAQKFQGRVTITADESTSTAY
MELSSLRSEDTAVYYCAESPLGGGSGYSVSWFDPWGQGTLVTVSSASTKGPSVFPLAPSSKSTSGGTAALGCLVKDYFPE
PVTVSWNSGALTSGVHTFPAVLQSSGLYSLSSVVTVPSSSLGTQTYICNVNHKPSNTKVDKKVEPKSC
;
A
2 'polypeptide(L)'
;EIVMTQSPATLSVSPGERATLSCRASQSVSSNLAWYQQKPGQAPRLLIYGASTRATGIPARFSGSGSGTEFTLTISSLQS
EDFAVYYCQQYSNWPPWTFGQGTKVEIKRTVAAPSVTLFPPSSEELQANKATLVCLISDFYPGAVTVAWKADSSPVKAGV
ETTTPSKQSNNKYAASSYLSLTPEQWKSHRSYSCQVTHEGSTVEKTVAPTECS
;
B
3 'polypeptide(L)'
;RVQPTESIVRFPNITNLCPFGEVFNATRFASVYAWNRKRISNCVADYSVLYNSASFSTFKCYGVSPTKLNDLCFTNVYAD
SFVIRGDEVRQIAPGQTGKIADYNYKLPDDFTGCVIAWNSNNLDSKVGGNYNYLYRLFRKSNLKPFERDISTEIYQAGST
PCNGVEGFNCYFPLQSYGFQPTNGVGYQPYRVVVLSFELLHAPATVCGPKKSTNLVKNKCVNF
;
C
#
# COMPACT_ATOMS: atom_id res chain seq x y z
N GLU A 1 9.29 10.75 -9.04
CA GLU A 1 7.93 11.03 -9.47
C GLU A 1 7.01 11.30 -8.29
N VAL A 2 5.75 10.89 -8.43
CA VAL A 2 4.79 11.00 -7.33
C VAL A 2 5.13 9.95 -6.27
N GLN A 3 5.45 10.41 -5.05
CA GLN A 3 5.82 9.55 -3.94
C GLN A 3 5.04 9.95 -2.70
N LEU A 4 4.68 8.95 -1.88
CA LEU A 4 3.82 9.16 -0.72
C LEU A 4 4.62 9.01 0.58
N VAL A 5 4.53 10.02 1.43
CA VAL A 5 5.21 10.04 2.73
C VAL A 5 4.13 10.05 3.81
N GLN A 6 4.21 9.08 4.72
CA GLN A 6 3.17 8.93 5.74
C GLN A 6 3.64 9.49 7.07
N SER A 7 2.72 9.48 8.04
CA SER A 7 3.03 9.95 9.39
C SER A 7 3.80 8.88 10.16
N GLY A 8 4.21 9.21 11.38
CA GLY A 8 4.98 8.32 12.22
C GLY A 8 4.14 7.31 12.97
N ALA A 9 4.83 6.43 13.68
CA ALA A 9 4.17 5.33 14.39
C ALA A 9 3.30 5.88 15.52
N GLU A 10 2.29 5.08 15.89
CA GLU A 10 1.35 5.49 16.92
C GLU A 10 1.08 4.32 17.86
N VAL A 11 1.03 4.63 19.15
CA VAL A 11 0.58 3.69 20.18
C VAL A 11 -0.65 4.31 20.84
N LYS A 12 -1.75 3.56 20.87
CA LYS A 12 -2.99 4.06 21.41
C LYS A 12 -3.60 3.04 22.35
N LYS A 13 -4.49 3.53 23.22
CA LYS A 13 -5.26 2.76 24.19
C LYS A 13 -6.54 2.26 23.57
N PRO A 14 -7.12 1.18 24.10
CA PRO A 14 -8.41 0.71 23.59
C PRO A 14 -9.50 1.76 23.80
N GLY A 15 -10.29 1.97 22.75
CA GLY A 15 -11.30 3.00 22.74
C GLY A 15 -10.84 4.31 22.15
N SER A 16 -9.58 4.68 22.34
CA SER A 16 -9.07 5.93 21.80
C SER A 16 -9.07 5.92 20.27
N SER A 17 -8.79 7.06 19.68
CA SER A 17 -8.79 7.22 18.23
C SER A 17 -7.37 7.45 17.73
N VAL A 18 -7.21 7.39 16.41
CA VAL A 18 -5.92 7.62 15.76
C VAL A 18 -6.18 8.19 14.38
N LYS A 19 -5.31 9.10 13.95
CA LYS A 19 -5.46 9.75 12.64
C LYS A 19 -4.10 9.83 11.97
N VAL A 20 -4.00 9.18 10.81
CA VAL A 20 -2.75 9.05 10.04
C VAL A 20 -2.82 9.99 8.85
N SER A 21 -1.65 10.53 8.48
CA SER A 21 -1.54 11.41 7.33
C SER A 21 -0.78 10.71 6.20
N CYS A 22 -0.81 11.36 5.03
CA CYS A 22 -0.22 10.80 3.83
C CYS A 22 -0.06 11.95 2.84
N LYS A 23 1.13 12.52 2.78
CA LYS A 23 1.40 13.64 1.88
C LYS A 23 1.99 13.13 0.58
N ALA A 24 1.50 13.66 -0.53
CA ALA A 24 2.05 13.39 -1.85
C ALA A 24 2.98 14.54 -2.22
N SER A 25 4.27 14.24 -2.37
CA SER A 25 5.23 15.23 -2.85
C SER A 25 4.96 15.64 -4.30
N GLY A 26 4.06 14.94 -5.00
CA GLY A 26 3.73 15.24 -6.37
C GLY A 26 2.87 16.48 -6.55
N GLY A 27 2.79 17.32 -5.52
CA GLY A 27 2.10 18.59 -5.60
C GLY A 27 0.59 18.49 -5.67
N THR A 28 0.09 17.82 -6.70
CA THR A 28 -1.34 17.69 -6.95
C THR A 28 -1.77 16.25 -6.72
N PHE A 29 -2.83 16.07 -5.92
CA PHE A 29 -3.45 14.77 -5.82
C PHE A 29 -4.12 14.37 -7.12
N SER A 30 -4.59 15.36 -7.87
CA SER A 30 -5.27 15.20 -9.16
C SER A 30 -6.45 14.24 -9.01
N SER A 31 -6.76 13.48 -10.07
CA SER A 31 -7.97 12.67 -10.11
C SER A 31 -7.72 11.21 -9.78
N TYR A 32 -6.58 10.88 -9.19
CA TYR A 32 -6.42 9.55 -8.63
C TYR A 32 -7.29 9.41 -7.39
N ALA A 33 -7.50 8.16 -6.97
CA ALA A 33 -8.23 7.83 -5.75
C ALA A 33 -7.22 7.38 -4.71
N ILE A 34 -7.21 8.03 -3.55
CA ILE A 34 -6.31 7.67 -2.47
C ILE A 34 -7.04 6.71 -1.55
N SER A 35 -6.46 5.55 -1.31
CA SER A 35 -7.12 4.52 -0.52
C SER A 35 -6.20 4.09 0.61
N TRP A 36 -6.79 3.43 1.61
CA TRP A 36 -6.08 2.98 2.79
C TRP A 36 -6.26 1.48 2.96
N VAL A 37 -5.14 0.76 3.00
CA VAL A 37 -5.11 -0.70 3.16
C VAL A 37 -4.28 -1.04 4.40
N ARG A 38 -4.85 -1.87 5.27
CA ARG A 38 -4.18 -2.24 6.50
C ARG A 38 -3.75 -3.70 6.44
N GLN A 39 -2.61 -3.99 7.04
CA GLN A 39 -2.08 -5.34 7.14
C GLN A 39 -1.85 -5.62 8.62
N ALA A 40 -2.68 -6.50 9.18
CA ALA A 40 -2.47 -6.96 10.53
C ALA A 40 -1.18 -7.78 10.58
N PRO A 41 -0.56 -7.92 11.76
CA PRO A 41 0.71 -8.64 11.83
C PRO A 41 0.57 -10.08 11.33
N GLY A 42 1.38 -10.42 10.33
CA GLY A 42 1.39 -11.75 9.78
C GLY A 42 0.17 -12.14 8.96
N GLN A 43 -0.73 -11.20 8.72
CA GLN A 43 -1.94 -11.45 7.94
C GLN A 43 -1.85 -10.72 6.61
N GLY A 44 -2.92 -10.85 5.82
CA GLY A 44 -2.94 -10.30 4.48
C GLY A 44 -3.30 -8.83 4.45
N LEU A 45 -3.48 -8.34 3.23
CA LEU A 45 -3.91 -6.97 3.02
C LEU A 45 -5.43 -6.88 3.11
N GLU A 46 -5.91 -5.71 3.53
CA GLU A 46 -7.34 -5.48 3.75
C GLU A 46 -7.64 -4.03 3.39
N TRP A 47 -8.33 -3.83 2.28
CA TRP A 47 -8.70 -2.49 1.84
C TRP A 47 -9.75 -1.92 2.78
N MET A 48 -9.52 -0.70 3.26
CA MET A 48 -10.42 -0.05 4.21
C MET A 48 -11.37 0.94 3.53
N GLY A 49 -10.83 1.88 2.77
CA GLY A 49 -11.68 2.82 2.06
C GLY A 49 -10.85 3.65 1.10
N ARG A 50 -11.57 4.51 0.38
CA ARG A 50 -10.99 5.45 -0.56
C ARG A 50 -11.58 6.83 -0.32
N ILE A 51 -10.87 7.84 -0.79
CA ILE A 51 -11.45 9.15 -1.05
C ILE A 51 -10.88 9.65 -2.37
N ILE A 52 -11.71 10.33 -3.14
CA ILE A 52 -11.28 10.95 -4.39
C ILE A 52 -11.10 12.44 -4.13
N PRO A 53 -9.89 12.98 -4.18
CA PRO A 53 -9.66 14.35 -3.71
C PRO A 53 -10.41 15.41 -4.52
N ILE A 54 -10.39 15.30 -5.85
CA ILE A 54 -11.01 16.33 -6.69
C ILE A 54 -12.52 16.41 -6.46
N PHE A 55 -13.15 15.33 -6.03
CA PHE A 55 -14.60 15.31 -5.81
C PHE A 55 -14.99 15.38 -4.34
N GLY A 56 -14.07 15.09 -3.42
CA GLY A 56 -14.38 15.12 -2.00
C GLY A 56 -15.18 13.95 -1.48
N SER A 57 -15.55 13.00 -2.33
CA SER A 57 -16.37 11.87 -1.91
C SER A 57 -15.48 10.71 -1.48
N SER A 58 -15.84 10.11 -0.35
CA SER A 58 -15.17 8.94 0.17
C SER A 58 -16.11 7.75 0.16
N ASN A 59 -15.53 6.56 0.23
CA ASN A 59 -16.29 5.31 0.24
C ASN A 59 -15.56 4.33 1.14
N TYR A 60 -16.31 3.68 2.04
CA TYR A 60 -15.71 2.81 3.05
C TYR A 60 -16.21 1.38 2.90
N ALA A 61 -15.32 0.44 3.20
CA ALA A 61 -15.70 -0.96 3.21
C ALA A 61 -16.67 -1.24 4.36
N GLN A 62 -17.53 -2.23 4.16
CA GLN A 62 -18.62 -2.48 5.10
C GLN A 62 -18.11 -2.71 6.51
N LYS A 63 -17.02 -3.48 6.65
CA LYS A 63 -16.51 -3.84 7.97
C LYS A 63 -16.10 -2.60 8.76
N PHE A 64 -15.74 -1.51 8.09
CA PHE A 64 -15.23 -0.32 8.75
C PHE A 64 -16.23 0.84 8.75
N GLN A 65 -17.44 0.63 8.25
CA GLN A 65 -18.42 1.71 8.14
C GLN A 65 -18.78 2.23 9.53
N GLY A 66 -18.58 3.52 9.73
CA GLY A 66 -18.87 4.16 11.00
C GLY A 66 -17.67 4.43 11.87
N ARG A 67 -16.56 3.71 11.64
CA ARG A 67 -15.33 3.94 12.39
C ARG A 67 -14.27 4.69 11.60
N VAL A 68 -14.26 4.56 10.29
CA VAL A 68 -13.24 5.17 9.45
C VAL A 68 -13.77 6.47 8.86
N THR A 69 -12.92 7.48 8.84
CA THR A 69 -13.19 8.75 8.19
C THR A 69 -11.96 9.11 7.37
N ILE A 70 -12.09 9.04 6.05
CA ILE A 70 -10.99 9.33 5.14
C ILE A 70 -11.27 10.67 4.48
N THR A 71 -10.30 11.58 4.58
CA THR A 71 -10.47 12.96 4.15
C THR A 71 -9.24 13.39 3.36
N ALA A 72 -9.35 14.52 2.66
CA ALA A 72 -8.24 15.00 1.86
C ALA A 72 -8.21 16.52 1.85
N ASP A 73 -6.99 17.06 1.75
CA ASP A 73 -6.77 18.51 1.70
C ASP A 73 -5.89 18.80 0.50
N GLU A 74 -6.43 19.55 -0.48
CA GLU A 74 -5.78 19.69 -1.78
C GLU A 74 -4.66 20.72 -1.78
N SER A 75 -4.79 21.78 -0.98
CA SER A 75 -3.76 22.82 -0.98
C SER A 75 -2.42 22.26 -0.51
N THR A 76 -2.42 21.49 0.57
CA THR A 76 -1.23 20.81 1.04
C THR A 76 -1.04 19.43 0.40
N SER A 77 -2.01 18.98 -0.41
CA SER A 77 -2.03 17.66 -1.02
C SER A 77 -1.72 16.56 0.01
N THR A 78 -2.56 16.50 1.02
CA THR A 78 -2.39 15.56 2.13
C THR A 78 -3.71 14.84 2.40
N ALA A 79 -3.67 13.52 2.41
CA ALA A 79 -4.83 12.70 2.73
C ALA A 79 -4.71 12.17 4.15
N TYR A 80 -5.86 12.00 4.82
CA TYR A 80 -5.91 11.60 6.21
C TYR A 80 -6.88 10.45 6.40
N MET A 81 -6.56 9.58 7.34
CA MET A 81 -7.41 8.43 7.69
C MET A 81 -7.56 8.40 9.20
N GLU A 82 -8.81 8.48 9.67
CA GLU A 82 -9.08 8.51 11.10
C GLU A 82 -9.88 7.27 11.46
N LEU A 83 -9.29 6.42 12.30
CA LEU A 83 -9.96 5.23 12.81
C LEU A 83 -10.22 5.41 14.30
N SER A 84 -11.45 5.16 14.73
CA SER A 84 -11.88 5.37 16.10
C SER A 84 -12.34 4.05 16.70
N SER A 85 -12.58 4.08 18.02
CA SER A 85 -13.03 2.90 18.77
C SER A 85 -12.07 1.73 18.56
N LEU A 86 -10.78 2.00 18.79
CA LEU A 86 -9.74 1.02 18.52
C LEU A 86 -9.87 -0.19 19.43
N ARG A 87 -9.43 -1.33 18.91
CA ARG A 87 -9.37 -2.59 19.63
C ARG A 87 -7.98 -3.17 19.46
N SER A 88 -7.73 -4.31 20.08
CA SER A 88 -6.47 -5.00 19.85
C SER A 88 -6.39 -5.52 18.42
N GLU A 89 -7.52 -5.95 17.86
CA GLU A 89 -7.59 -6.42 16.48
C GLU A 89 -7.22 -5.35 15.47
N ASP A 90 -7.14 -4.08 15.89
CA ASP A 90 -6.77 -2.99 15.00
C ASP A 90 -5.29 -2.71 15.00
N THR A 91 -4.50 -3.49 15.74
CA THR A 91 -3.05 -3.37 15.70
C THR A 91 -2.56 -3.82 14.32
N ALA A 92 -1.97 -2.90 13.55
CA ALA A 92 -1.60 -3.23 12.19
C ALA A 92 -0.80 -2.09 11.57
N VAL A 93 -0.30 -2.34 10.36
CA VAL A 93 0.38 -1.32 9.59
C VAL A 93 -0.60 -0.79 8.55
N TYR A 94 -0.73 0.52 8.47
CA TYR A 94 -1.69 1.18 7.59
C TYR A 94 -0.92 1.85 6.46
N TYR A 95 -1.22 1.48 5.22
CA TYR A 95 -0.63 2.07 4.04
C TYR A 95 -1.69 2.89 3.30
N CYS A 96 -1.24 3.99 2.70
CA CYS A 96 -2.04 4.73 1.73
C CYS A 96 -1.50 4.42 0.33
N ALA A 97 -2.38 4.52 -0.67
CA ALA A 97 -1.96 4.22 -2.03
C ALA A 97 -2.85 4.93 -3.03
N GLU A 98 -2.23 5.55 -4.03
CA GLU A 98 -2.96 6.11 -5.17
C GLU A 98 -3.46 4.98 -6.06
N SER A 99 -4.52 5.28 -6.80
CA SER A 99 -5.07 4.32 -7.73
C SER A 99 -5.80 5.07 -8.83
N PRO A 100 -5.59 4.71 -10.11
CA PRO A 100 -6.46 5.25 -11.16
C PRO A 100 -7.89 4.81 -10.94
N LEU A 101 -8.83 5.49 -11.60
CA LEU A 101 -10.18 4.97 -11.54
C LEU A 101 -10.34 3.83 -12.54
N GLY A 102 -11.41 3.05 -12.35
CA GLY A 102 -11.60 1.86 -13.17
C GLY A 102 -11.71 2.21 -14.64
N GLY A 103 -11.03 1.45 -15.48
CA GLY A 103 -11.08 1.66 -16.92
C GLY A 103 -12.27 0.98 -17.57
N GLY A 104 -13.34 0.80 -16.81
CA GLY A 104 -14.51 0.07 -17.26
C GLY A 104 -15.06 -0.81 -16.16
N SER A 105 -14.38 -0.82 -15.00
CA SER A 105 -14.81 -1.61 -13.86
C SER A 105 -16.22 -1.25 -13.44
N GLY A 106 -16.61 0.02 -13.62
CA GLY A 106 -17.71 0.60 -12.91
C GLY A 106 -17.36 1.13 -11.54
N TYR A 107 -16.17 0.84 -11.04
CA TYR A 107 -15.79 1.14 -9.67
C TYR A 107 -14.68 2.18 -9.63
N SER A 108 -14.55 2.80 -8.46
CA SER A 108 -13.75 4.00 -8.30
C SER A 108 -12.30 3.69 -7.97
N VAL A 109 -11.80 2.53 -8.40
CA VAL A 109 -10.47 2.08 -8.03
C VAL A 109 -10.03 0.94 -8.95
N SER A 110 -8.75 0.90 -9.33
CA SER A 110 -8.21 -0.24 -10.07
C SER A 110 -7.08 -0.93 -9.33
N TRP A 111 -5.84 -0.69 -9.76
CA TRP A 111 -4.67 -1.19 -9.08
C TRP A 111 -4.07 -0.07 -8.23
N PHE A 112 -3.08 -0.44 -7.41
CA PHE A 112 -2.54 0.45 -6.39
C PHE A 112 -1.08 0.73 -6.70
N ASP A 113 -0.78 1.96 -7.07
CA ASP A 113 0.57 2.42 -7.32
C ASP A 113 0.57 3.95 -7.38
N PRO A 114 1.38 4.65 -6.58
CA PRO A 114 2.35 4.08 -5.63
C PRO A 114 1.78 3.82 -4.25
N TRP A 115 2.64 3.37 -3.34
CA TRP A 115 2.25 3.03 -1.98
C TRP A 115 2.97 3.93 -0.99
N GLY A 116 2.28 4.24 0.11
CA GLY A 116 2.92 4.93 1.20
C GLY A 116 3.92 4.04 1.92
N GLN A 117 4.82 4.69 2.65
CA GLN A 117 5.86 3.98 3.38
C GLN A 117 5.29 3.07 4.47
N GLY A 118 4.06 3.33 4.92
CA GLY A 118 3.46 2.54 5.98
C GLY A 118 3.52 3.20 7.34
N THR A 119 2.47 3.05 8.14
CA THR A 119 2.41 3.62 9.47
C THR A 119 1.96 2.54 10.44
N LEU A 120 2.80 2.24 11.43
CA LEU A 120 2.47 1.21 12.40
C LEU A 120 1.58 1.79 13.50
N VAL A 121 0.48 1.10 13.82
CA VAL A 121 -0.42 1.51 14.89
C VAL A 121 -0.60 0.33 15.83
N THR A 122 -0.14 0.50 17.07
CA THR A 122 -0.20 -0.53 18.10
C THR A 122 -1.23 -0.14 19.14
N VAL A 123 -2.17 -1.05 19.43
CA VAL A 123 -3.27 -0.79 20.35
C VAL A 123 -3.24 -1.87 21.42
N SER A 124 -2.93 -1.49 22.65
CA SER A 124 -2.83 -2.42 23.77
C SER A 124 -3.29 -1.74 25.04
N SER A 125 -3.92 -2.52 25.94
CA SER A 125 -4.35 -1.99 27.22
C SER A 125 -3.20 -1.75 28.20
N ALA A 126 -1.96 -1.97 27.78
CA ALA A 126 -0.81 -1.75 28.63
C ALA A 126 -0.39 -0.28 28.61
N SER A 127 0.25 0.15 29.69
CA SER A 127 0.68 1.52 29.87
C SER A 127 2.20 1.59 29.92
N THR A 128 2.73 2.76 29.59
CA THR A 128 4.18 2.95 29.56
C THR A 128 4.84 2.49 30.84
N LYS A 129 5.83 1.61 30.71
CA LYS A 129 6.59 1.11 31.85
C LYS A 129 8.05 0.89 31.45
N GLY A 130 8.95 1.19 32.38
CA GLY A 130 10.35 0.92 32.19
C GLY A 130 10.71 -0.51 32.57
N PRO A 131 11.77 -1.04 31.97
CA PRO A 131 12.13 -2.45 32.20
C PRO A 131 12.96 -2.64 33.46
N SER A 132 13.18 -3.92 33.77
CA SER A 132 14.10 -4.35 34.81
C SER A 132 15.19 -5.18 34.17
N VAL A 133 16.45 -4.88 34.50
CA VAL A 133 17.60 -5.52 33.87
C VAL A 133 18.30 -6.40 34.89
N PHE A 134 18.48 -7.67 34.54
CA PHE A 134 19.14 -8.64 35.40
C PHE A 134 20.32 -9.28 34.69
N PRO A 135 21.40 -9.61 35.41
CA PRO A 135 22.58 -10.21 34.76
C PRO A 135 22.40 -11.71 34.58
N LEU A 136 22.33 -12.15 33.33
CA LEU A 136 22.37 -13.57 32.98
C LEU A 136 23.82 -14.00 33.06
N ALA A 137 24.21 -14.55 34.21
CA ALA A 137 25.59 -14.84 34.53
C ALA A 137 26.08 -16.10 33.80
N PRO A 138 27.37 -16.16 33.50
CA PRO A 138 27.93 -17.40 32.95
C PRO A 138 28.22 -18.42 34.04
N SER A 139 28.34 -19.68 33.62
CA SER A 139 28.64 -20.77 34.54
C SER A 139 29.13 -22.02 33.79
N GLY A 145 32.99 -26.44 25.71
CA GLY A 145 33.96 -25.86 24.80
C GLY A 145 34.90 -24.88 25.47
N GLY A 146 35.39 -23.90 24.68
CA GLY A 146 36.30 -22.89 25.19
C GLY A 146 35.67 -21.52 25.31
N THR A 147 34.41 -21.40 24.93
CA THR A 147 33.67 -20.15 24.99
C THR A 147 32.50 -20.27 25.97
N ALA A 148 32.11 -19.14 26.54
CA ALA A 148 30.97 -19.07 27.45
C ALA A 148 30.00 -18.03 26.94
N ALA A 149 28.78 -18.05 27.50
CA ALA A 149 27.74 -17.11 27.13
C ALA A 149 27.27 -16.40 28.39
N LEU A 150 27.30 -15.07 28.36
CA LEU A 150 26.70 -14.26 29.42
C LEU A 150 25.77 -13.26 28.76
N GLY A 151 25.02 -12.51 29.55
CA GLY A 151 24.12 -11.56 28.94
C GLY A 151 23.30 -10.79 29.94
N CYS A 152 22.28 -10.10 29.42
CA CYS A 152 21.37 -9.28 30.20
C CYS A 152 19.94 -9.66 29.87
N LEU A 153 19.07 -9.59 30.87
CA LEU A 153 17.65 -9.87 30.74
C LEU A 153 16.87 -8.58 30.99
N VAL A 154 16.16 -8.10 29.96
CA VAL A 154 15.40 -6.87 30.02
C VAL A 154 13.93 -7.27 30.04
N LYS A 155 13.32 -7.25 31.23
CA LYS A 155 11.98 -7.82 31.40
C LYS A 155 10.96 -6.75 31.77
N ASP A 156 9.70 -7.03 31.43
CA ASP A 156 8.51 -6.30 31.85
C ASP A 156 8.63 -4.80 31.52
N TYR A 157 8.66 -4.53 30.22
CA TYR A 157 8.69 -3.17 29.69
C TYR A 157 7.61 -3.01 28.64
N PHE A 158 7.33 -1.74 28.29
CA PHE A 158 6.36 -1.36 27.27
C PHE A 158 6.46 0.13 26.98
N PRO A 159 6.37 0.54 25.71
CA PRO A 159 6.39 -0.34 24.54
C PRO A 159 7.81 -0.53 23.98
N GLU A 160 7.93 -1.25 22.88
CA GLU A 160 9.19 -1.36 22.18
C GLU A 160 9.57 -0.01 21.58
N PRO A 161 10.84 0.20 21.21
CA PRO A 161 12.00 -0.69 21.29
C PRO A 161 12.99 -0.32 22.39
N VAL A 162 13.57 -1.35 23.00
CA VAL A 162 14.68 -1.17 23.95
C VAL A 162 15.96 -1.51 23.22
N THR A 163 16.96 -0.64 23.33
CA THR A 163 18.25 -0.84 22.68
C THR A 163 19.26 -1.28 23.72
N VAL A 164 20.05 -2.30 23.39
CA VAL A 164 21.01 -2.89 24.34
C VAL A 164 22.38 -2.87 23.69
N SER A 165 23.28 -2.04 24.21
CA SER A 165 24.68 -2.02 23.79
C SER A 165 25.54 -2.63 24.90
N TRP A 166 26.83 -2.78 24.61
CA TRP A 166 27.73 -3.40 25.56
C TRP A 166 29.03 -2.61 25.67
N ASN A 167 29.52 -2.47 26.91
CA ASN A 167 30.79 -1.82 27.21
C ASN A 167 30.88 -0.44 26.54
N SER A 168 29.80 0.32 26.64
CA SER A 168 29.69 1.67 26.08
C SER A 168 29.89 1.70 24.57
N GLY A 169 29.71 0.55 23.90
CA GLY A 169 29.87 0.45 22.46
C GLY A 169 31.13 -0.25 22.01
N ALA A 170 31.98 -0.67 22.94
CA ALA A 170 33.27 -1.29 22.63
C ALA A 170 33.18 -2.80 22.44
N LEU A 171 32.03 -3.41 22.70
CA LEU A 171 31.85 -4.85 22.54
C LEU A 171 30.68 -5.09 21.58
N THR A 172 30.99 -5.35 20.31
CA THR A 172 29.99 -5.62 19.29
C THR A 172 30.10 -7.01 18.69
N SER A 173 31.31 -7.57 18.59
CA SER A 173 31.49 -8.92 18.05
C SER A 173 31.01 -9.96 19.07
N GLY A 174 30.20 -10.89 18.60
CA GLY A 174 29.63 -11.90 19.47
C GLY A 174 28.35 -11.50 20.16
N VAL A 175 27.70 -10.42 19.70
CA VAL A 175 26.50 -9.88 20.32
C VAL A 175 25.27 -10.46 19.62
N HIS A 176 24.27 -10.85 20.41
CA HIS A 176 23.01 -11.34 19.87
C HIS A 176 21.91 -10.81 20.78
N THR A 177 21.21 -9.76 20.33
CA THR A 177 20.08 -9.20 21.06
C THR A 177 18.80 -9.79 20.48
N PHE A 178 18.13 -10.62 21.27
CA PHE A 178 16.99 -11.38 20.80
C PHE A 178 15.75 -10.49 20.67
N PRO A 179 14.93 -10.71 19.64
CA PRO A 179 13.60 -10.09 19.62
C PRO A 179 12.83 -10.44 20.87
N ALA A 180 11.98 -9.51 21.31
CA ALA A 180 11.29 -9.63 22.58
C ALA A 180 10.03 -10.49 22.45
N VAL A 181 9.47 -10.84 23.60
CA VAL A 181 8.23 -11.59 23.66
C VAL A 181 7.08 -10.66 23.99
N LEU A 182 5.86 -11.19 23.95
CA LEU A 182 4.65 -10.46 24.36
C LEU A 182 3.93 -11.32 25.39
N GLN A 183 4.24 -11.11 26.66
CA GLN A 183 3.65 -11.89 27.74
C GLN A 183 2.14 -11.65 27.81
N SER A 184 1.43 -12.58 28.45
CA SER A 184 -0.02 -12.47 28.59
C SER A 184 -0.43 -11.20 29.33
N SER A 185 0.47 -10.62 30.13
CA SER A 185 0.22 -9.33 30.75
C SER A 185 0.43 -8.17 29.80
N GLY A 186 0.76 -8.45 28.54
CA GLY A 186 0.97 -7.39 27.58
C GLY A 186 2.23 -6.58 27.81
N LEU A 187 3.27 -7.20 28.38
CA LEU A 187 4.55 -6.56 28.63
C LEU A 187 5.66 -7.36 27.97
N TYR A 188 6.61 -6.66 27.36
CA TYR A 188 7.67 -7.31 26.61
C TYR A 188 8.79 -7.81 27.51
N SER A 189 9.59 -8.72 26.97
CA SER A 189 10.82 -9.15 27.64
C SER A 189 11.76 -9.63 26.55
N LEU A 190 12.97 -9.09 26.53
CA LEU A 190 14.02 -9.61 25.66
C LEU A 190 15.24 -9.89 26.50
N SER A 191 16.26 -10.44 25.84
CA SER A 191 17.56 -10.61 26.48
C SER A 191 18.62 -10.44 25.41
N SER A 192 19.77 -9.92 25.82
CA SER A 192 20.91 -9.72 24.93
C SER A 192 22.06 -10.56 25.45
N VAL A 193 22.47 -11.56 24.67
CA VAL A 193 23.52 -12.50 25.06
C VAL A 193 24.75 -12.26 24.21
N VAL A 194 25.91 -12.27 24.86
CA VAL A 194 27.19 -12.20 24.17
C VAL A 194 27.99 -13.44 24.58
N THR A 195 28.58 -14.09 23.57
CA THR A 195 29.46 -15.22 23.77
C THR A 195 30.90 -14.73 23.71
N VAL A 196 31.66 -15.02 24.76
CA VAL A 196 33.02 -14.49 24.89
C VAL A 196 33.95 -15.62 25.30
N PRO A 197 35.26 -15.48 25.03
CA PRO A 197 36.24 -16.44 25.54
C PRO A 197 36.08 -16.72 27.02
N SER A 198 35.85 -17.98 27.37
CA SER A 198 35.62 -18.35 28.77
C SER A 198 36.87 -18.22 29.62
N SER A 199 38.04 -18.00 29.02
CA SER A 199 39.27 -17.80 29.77
C SER A 199 39.38 -16.39 30.35
N SER A 200 38.63 -15.44 29.83
CA SER A 200 38.70 -14.05 30.26
C SER A 200 37.62 -13.69 31.29
N LEU A 201 36.92 -14.68 31.84
CA LEU A 201 35.79 -14.39 32.71
C LEU A 201 36.21 -13.75 34.04
N GLY A 202 37.46 -13.90 34.46
CA GLY A 202 37.90 -13.32 35.71
C GLY A 202 38.60 -11.99 35.53
N THR A 203 38.97 -11.67 34.29
CA THR A 203 39.76 -10.48 33.99
C THR A 203 38.97 -9.39 33.27
N GLN A 204 38.29 -9.74 32.19
CA GLN A 204 37.55 -8.74 31.42
C GLN A 204 36.26 -8.33 32.14
N THR A 205 35.89 -7.07 31.98
CA THR A 205 34.67 -6.54 32.56
C THR A 205 33.61 -6.44 31.48
N TYR A 206 32.44 -7.02 31.75
CA TYR A 206 31.32 -7.00 30.82
C TYR A 206 30.18 -6.24 31.46
N ILE A 207 29.80 -5.13 30.84
CA ILE A 207 28.72 -4.28 31.32
C ILE A 207 27.76 -4.03 30.15
N CYS A 208 26.47 -4.27 30.38
CA CYS A 208 25.46 -4.02 29.37
C CYS A 208 24.73 -2.73 29.68
N ASN A 209 24.47 -1.94 28.62
CA ASN A 209 23.80 -0.65 28.71
C ASN A 209 22.46 -0.79 28.02
N VAL A 210 21.39 -0.67 28.80
CA VAL A 210 20.02 -0.84 28.33
C VAL A 210 19.36 0.54 28.30
N ASN A 211 18.81 0.91 27.14
CA ASN A 211 18.13 2.19 26.94
C ASN A 211 16.70 1.92 26.49
N HIS A 212 15.75 2.34 27.31
CA HIS A 212 14.34 2.33 26.96
C HIS A 212 13.90 3.78 26.88
N LYS A 213 13.90 4.32 25.65
CA LYS A 213 13.51 5.71 25.45
C LYS A 213 12.07 6.00 25.89
N PRO A 214 11.05 5.14 25.61
CA PRO A 214 9.67 5.48 26.01
C PRO A 214 9.46 5.65 27.50
N SER A 215 10.52 5.49 28.32
CA SER A 215 10.40 5.78 29.75
C SER A 215 11.66 6.44 30.31
N ASN A 216 12.52 6.98 29.45
CA ASN A 216 13.76 7.63 29.86
C ASN A 216 14.57 6.74 30.80
N THR A 217 14.57 5.44 30.51
CA THR A 217 15.25 4.46 31.33
C THR A 217 16.64 4.20 30.75
N LYS A 218 17.68 4.52 31.53
CA LYS A 218 19.06 4.22 31.16
C LYS A 218 19.68 3.40 32.30
N VAL A 219 19.97 2.13 32.03
CA VAL A 219 20.38 1.18 33.07
C VAL A 219 21.70 0.52 32.67
N ASP A 220 22.70 0.63 33.53
CA ASP A 220 23.98 -0.05 33.36
C ASP A 220 24.04 -1.22 34.33
N LYS A 221 24.20 -2.44 33.81
CA LYS A 221 24.26 -3.61 34.65
C LYS A 221 25.49 -4.44 34.32
N LYS A 222 26.27 -4.76 35.35
CA LYS A 222 27.50 -5.54 35.21
C LYS A 222 27.17 -7.04 35.28
N VAL A 223 27.84 -7.81 34.42
CA VAL A 223 27.59 -9.24 34.32
C VAL A 223 28.83 -9.98 34.81
N GLU A 224 28.73 -10.61 35.98
CA GLU A 224 29.80 -11.33 36.63
C GLU A 224 29.42 -12.81 36.78
N PRO A 225 30.40 -13.71 36.91
CA PRO A 225 30.10 -15.14 36.97
C PRO A 225 29.57 -15.58 38.33
N LYS A 226 28.99 -16.78 38.33
CA LYS A 226 28.33 -17.35 39.49
C LYS A 226 28.98 -18.67 39.87
N SER A 227 29.16 -18.89 41.17
CA SER A 227 29.70 -20.14 41.69
C SER A 227 28.64 -21.25 41.70
N GLU B 1 -19.16 -13.43 -3.63
CA GLU B 1 -18.25 -12.50 -4.28
C GLU B 1 -17.10 -13.25 -4.94
N ILE B 2 -16.08 -12.50 -5.40
CA ILE B 2 -14.99 -13.06 -6.19
C ILE B 2 -13.81 -13.28 -5.24
N VAL B 3 -13.45 -14.55 -5.03
CA VAL B 3 -12.40 -14.93 -4.10
C VAL B 3 -11.17 -15.34 -4.90
N MET B 4 -10.04 -14.71 -4.58
CA MET B 4 -8.76 -15.05 -5.20
C MET B 4 -8.03 -16.03 -4.29
N THR B 5 -7.68 -17.20 -4.82
CA THR B 5 -6.93 -18.20 -4.07
C THR B 5 -5.58 -18.41 -4.74
N GLN B 6 -4.52 -18.32 -3.95
CA GLN B 6 -3.16 -18.42 -4.47
C GLN B 6 -2.51 -19.73 -4.05
N SER B 7 -1.45 -20.09 -4.77
CA SER B 7 -0.67 -21.28 -4.47
C SER B 7 0.76 -21.06 -4.91
N PRO B 8 1.74 -21.63 -4.20
CA PRO B 8 1.53 -22.37 -2.96
C PRO B 8 1.46 -21.42 -1.78
N ALA B 9 1.54 -21.95 -0.55
CA ALA B 9 1.72 -21.05 0.59
C ALA B 9 3.14 -20.52 0.63
N THR B 10 4.12 -21.40 0.48
CA THR B 10 5.52 -21.00 0.49
C THR B 10 6.25 -21.76 -0.60
N LEU B 11 7.32 -21.15 -1.11
CA LEU B 11 8.07 -21.71 -2.24
C LEU B 11 9.57 -21.56 -1.93
N SER B 12 10.17 -22.63 -1.40
CA SER B 12 11.61 -22.66 -1.11
C SER B 12 12.38 -22.87 -2.41
N VAL B 13 13.15 -21.86 -2.83
CA VAL B 13 13.81 -21.89 -4.13
C VAL B 13 15.21 -21.28 -3.99
N SER B 14 16.20 -21.94 -4.60
CA SER B 14 17.57 -21.46 -4.67
C SER B 14 17.74 -20.43 -5.79
N PRO B 15 18.70 -19.53 -5.66
CA PRO B 15 18.89 -18.49 -6.69
C PRO B 15 19.15 -19.07 -8.06
N GLY B 16 18.85 -18.26 -9.08
CA GLY B 16 18.94 -18.68 -10.46
C GLY B 16 17.79 -19.54 -10.95
N GLU B 17 17.06 -20.21 -10.06
CA GLU B 17 16.00 -21.11 -10.47
C GLU B 17 14.74 -20.33 -10.85
N ARG B 18 13.80 -21.05 -11.47
CA ARG B 18 12.55 -20.48 -11.94
C ARG B 18 11.44 -20.77 -10.94
N ALA B 19 10.75 -19.72 -10.50
CA ALA B 19 9.64 -19.84 -9.56
C ALA B 19 8.35 -19.45 -10.26
N THR B 20 7.30 -20.25 -10.04
CA THR B 20 6.00 -20.06 -10.71
C THR B 20 4.89 -20.02 -9.64
N LEU B 21 4.27 -18.86 -9.49
CA LEU B 21 3.22 -18.62 -8.49
C LEU B 21 1.87 -18.53 -9.19
N SER B 22 0.83 -19.11 -8.57
CA SER B 22 -0.47 -19.24 -9.19
C SER B 22 -1.52 -18.42 -8.43
N CYS B 23 -2.40 -17.77 -9.19
CA CYS B 23 -3.54 -17.02 -8.68
C CYS B 23 -4.77 -17.48 -9.45
N ARG B 24 -5.81 -17.89 -8.72
CA ARG B 24 -7.00 -18.46 -9.35
C ARG B 24 -8.21 -17.70 -8.85
N ALA B 25 -9.00 -17.15 -9.78
CA ALA B 25 -10.20 -16.42 -9.44
C ALA B 25 -11.41 -17.34 -9.46
N SER B 26 -12.30 -17.17 -8.47
CA SER B 26 -13.50 -17.99 -8.39
C SER B 26 -14.45 -17.70 -9.54
N GLN B 27 -14.32 -16.55 -10.20
CA GLN B 27 -15.15 -16.17 -11.32
C GLN B 27 -14.25 -15.67 -12.45
N SER B 28 -14.80 -15.53 -13.64
CA SER B 28 -14.02 -15.07 -14.79
C SER B 28 -13.80 -13.56 -14.69
N VAL B 29 -12.55 -13.16 -14.53
CA VAL B 29 -12.23 -11.76 -14.27
C VAL B 29 -11.40 -11.21 -15.43
N SER B 30 -11.80 -11.52 -16.66
CA SER B 30 -11.11 -11.06 -17.86
C SER B 30 -9.59 -11.11 -17.71
N SER B 31 -8.91 -10.01 -18.06
CA SER B 31 -7.46 -9.90 -17.88
C SER B 31 -7.13 -8.62 -17.11
N ASN B 32 -7.89 -8.38 -16.05
CA ASN B 32 -7.72 -7.23 -15.18
C ASN B 32 -7.21 -7.71 -13.83
N LEU B 33 -5.91 -7.98 -13.77
CA LEU B 33 -5.33 -8.54 -12.56
C LEU B 33 -3.97 -7.92 -12.30
N ALA B 34 -3.69 -7.70 -11.00
CA ALA B 34 -2.50 -7.02 -10.55
C ALA B 34 -1.70 -7.92 -9.61
N TRP B 35 -0.39 -7.81 -9.71
CA TRP B 35 0.57 -8.53 -8.87
C TRP B 35 1.40 -7.50 -8.11
N TYR B 36 1.47 -7.67 -6.79
CA TYR B 36 2.23 -6.81 -5.88
C TYR B 36 3.30 -7.63 -5.18
N GLN B 37 4.48 -7.03 -5.00
CA GLN B 37 5.58 -7.60 -4.25
C GLN B 37 5.75 -6.84 -2.94
N GLN B 38 5.88 -7.56 -1.83
CA GLN B 38 6.12 -6.98 -0.52
C GLN B 38 7.37 -7.63 0.04
N LYS B 39 8.50 -6.94 -0.12
CA LYS B 39 9.73 -7.38 0.52
C LYS B 39 9.52 -7.37 2.04
N PRO B 40 10.24 -8.21 2.78
CA PRO B 40 9.99 -8.30 4.23
C PRO B 40 10.20 -6.96 4.92
N GLY B 41 9.20 -6.55 5.69
CA GLY B 41 9.27 -5.26 6.36
C GLY B 41 9.29 -4.07 5.43
N GLN B 42 8.55 -4.15 4.32
CA GLN B 42 8.46 -3.03 3.39
C GLN B 42 7.02 -2.90 2.94
N ALA B 43 6.67 -1.70 2.47
CA ALA B 43 5.39 -1.51 1.84
C ALA B 43 5.36 -2.30 0.52
N PRO B 44 4.21 -2.85 0.15
CA PRO B 44 4.10 -3.49 -1.16
C PRO B 44 4.46 -2.52 -2.27
N ARG B 45 4.86 -3.08 -3.41
CA ARG B 45 4.99 -2.30 -4.63
C ARG B 45 4.39 -3.11 -5.77
N LEU B 46 3.68 -2.42 -6.66
CA LEU B 46 2.95 -3.11 -7.73
C LEU B 46 3.93 -3.63 -8.78
N LEU B 47 3.90 -4.95 -9.01
CA LEU B 47 4.73 -5.55 -10.05
C LEU B 47 4.07 -5.43 -11.42
N ILE B 48 2.83 -5.86 -11.54
CA ILE B 48 2.22 -6.08 -12.84
C ILE B 48 0.74 -5.71 -12.79
N TYR B 49 0.25 -5.05 -13.84
CA TYR B 49 -1.16 -4.74 -13.96
C TYR B 49 -1.69 -5.27 -15.28
N GLY B 50 -3.01 -5.42 -15.37
CA GLY B 50 -3.60 -5.97 -16.57
C GLY B 50 -3.12 -7.38 -16.86
N ALA B 51 -2.88 -8.17 -15.81
CA ALA B 51 -2.49 -9.57 -15.88
C ALA B 51 -1.07 -9.79 -16.41
N SER B 52 -0.63 -8.99 -17.37
CA SER B 52 0.64 -9.25 -18.05
C SER B 52 1.58 -8.05 -18.14
N THR B 53 1.09 -6.82 -18.07
CA THR B 53 1.93 -5.64 -18.24
C THR B 53 2.75 -5.37 -16.98
N ARG B 54 4.06 -5.28 -17.13
CA ARG B 54 4.94 -5.01 -16.00
C ARG B 54 4.94 -3.52 -15.67
N ALA B 55 5.01 -3.20 -14.39
CA ALA B 55 4.99 -1.80 -13.96
C ALA B 55 6.31 -1.12 -14.31
N THR B 56 6.24 0.21 -14.40
CA THR B 56 7.43 0.99 -14.76
C THR B 56 8.51 0.82 -13.69
N GLY B 57 9.68 0.35 -14.12
CA GLY B 57 10.80 0.10 -13.24
C GLY B 57 10.94 -1.35 -12.80
N ILE B 58 9.89 -2.16 -12.94
CA ILE B 58 9.96 -3.56 -12.50
C ILE B 58 10.99 -4.30 -13.34
N PRO B 59 11.85 -5.12 -12.74
CA PRO B 59 12.84 -5.86 -13.52
C PRO B 59 12.20 -6.81 -14.52
N ALA B 60 13.04 -7.28 -15.45
CA ALA B 60 12.57 -8.12 -16.55
C ALA B 60 12.25 -9.54 -16.10
N ARG B 61 12.99 -10.07 -15.11
CA ARG B 61 12.83 -11.45 -14.69
C ARG B 61 11.42 -11.78 -14.19
N PHE B 62 10.58 -10.76 -13.96
CA PHE B 62 9.19 -10.97 -13.61
C PHE B 62 8.34 -10.96 -14.88
N SER B 63 7.46 -11.95 -15.01
CA SER B 63 6.54 -11.99 -16.14
C SER B 63 5.19 -12.48 -15.66
N GLY B 64 4.15 -11.69 -15.90
CA GLY B 64 2.80 -12.09 -15.58
C GLY B 64 2.12 -12.62 -16.84
N SER B 65 1.30 -13.65 -16.66
CA SER B 65 0.54 -14.19 -17.77
C SER B 65 -0.73 -14.83 -17.23
N GLY B 66 -1.63 -15.17 -18.14
CA GLY B 66 -2.92 -15.74 -17.79
C GLY B 66 -4.07 -14.80 -18.12
N SER B 67 -5.28 -15.33 -17.95
CA SER B 67 -6.50 -14.58 -18.20
C SER B 67 -7.69 -15.46 -17.82
N GLY B 68 -8.86 -14.84 -17.72
CA GLY B 68 -10.07 -15.57 -17.39
C GLY B 68 -10.17 -15.92 -15.93
N THR B 69 -9.73 -17.14 -15.57
CA THR B 69 -9.70 -17.56 -14.19
C THR B 69 -8.34 -18.03 -13.71
N GLU B 70 -7.38 -18.26 -14.61
CA GLU B 70 -6.07 -18.79 -14.25
C GLU B 70 -5.00 -17.75 -14.57
N PHE B 71 -4.19 -17.40 -13.57
CA PHE B 71 -3.14 -16.41 -13.72
C PHE B 71 -1.88 -16.94 -13.06
N THR B 72 -0.73 -16.66 -13.66
CA THR B 72 0.55 -17.04 -13.07
C THR B 72 1.53 -15.89 -13.18
N LEU B 73 2.43 -15.85 -12.20
CA LEU B 73 3.59 -14.97 -12.21
C LEU B 73 4.84 -15.84 -12.21
N THR B 74 5.75 -15.58 -13.13
CA THR B 74 7.00 -16.33 -13.24
C THR B 74 8.16 -15.39 -12.92
N ILE B 75 8.94 -15.77 -11.92
CA ILE B 75 10.23 -15.14 -11.66
C ILE B 75 11.27 -16.10 -12.23
N SER B 76 11.79 -15.75 -13.40
CA SER B 76 12.60 -16.68 -14.19
C SER B 76 13.98 -16.88 -13.59
N SER B 77 14.81 -15.83 -13.62
CA SER B 77 16.18 -15.92 -13.09
C SER B 77 16.19 -15.31 -11.70
N LEU B 78 15.76 -16.11 -10.74
CA LEU B 78 15.49 -15.63 -9.39
C LEU B 78 16.74 -15.02 -8.76
N GLN B 79 16.68 -13.73 -8.47
CA GLN B 79 17.77 -13.01 -7.83
C GLN B 79 17.54 -13.00 -6.32
N SER B 80 18.38 -12.27 -5.58
CA SER B 80 18.28 -12.26 -4.12
C SER B 80 17.36 -11.17 -3.59
N GLU B 81 17.15 -10.09 -4.33
CA GLU B 81 16.23 -9.04 -3.91
C GLU B 81 14.77 -9.46 -4.01
N ASP B 82 14.49 -10.71 -4.36
CA ASP B 82 13.16 -11.12 -4.73
C ASP B 82 12.48 -12.05 -3.72
N PHE B 83 13.20 -12.46 -2.68
CA PHE B 83 12.57 -13.21 -1.61
C PHE B 83 11.62 -12.29 -0.85
N ALA B 84 10.33 -12.57 -0.94
CA ALA B 84 9.31 -11.62 -0.49
C ALA B 84 7.96 -12.33 -0.52
N VAL B 85 6.91 -11.60 -0.18
CA VAL B 85 5.55 -12.12 -0.26
C VAL B 85 4.87 -11.47 -1.45
N TYR B 86 4.21 -12.28 -2.28
CA TYR B 86 3.59 -11.81 -3.51
C TYR B 86 2.08 -11.99 -3.41
N TYR B 87 1.34 -10.93 -3.75
CA TYR B 87 -0.11 -10.90 -3.67
C TYR B 87 -0.71 -10.62 -5.05
N CYS B 88 -1.88 -11.19 -5.31
CA CYS B 88 -2.64 -10.89 -6.52
C CYS B 88 -3.96 -10.23 -6.16
N GLN B 89 -4.43 -9.37 -7.07
CA GLN B 89 -5.66 -8.62 -6.87
C GLN B 89 -6.40 -8.52 -8.20
N GLN B 90 -7.63 -9.02 -8.24
CA GLN B 90 -8.50 -8.75 -9.36
C GLN B 90 -9.24 -7.43 -9.13
N TYR B 91 -9.49 -6.71 -10.21
CA TYR B 91 -10.15 -5.42 -10.06
C TYR B 91 -11.23 -5.19 -11.12
N SER B 92 -11.86 -6.27 -11.61
CA SER B 92 -12.99 -6.17 -12.51
C SER B 92 -14.31 -6.33 -11.77
N ASN B 93 -14.53 -7.50 -11.17
CA ASN B 93 -15.79 -7.78 -10.55
C ASN B 93 -15.80 -7.27 -9.11
N TRP B 94 -16.96 -7.33 -8.49
CA TRP B 94 -17.24 -6.82 -7.15
C TRP B 94 -16.84 -7.84 -6.11
N PRO B 95 -16.04 -7.45 -5.11
CA PRO B 95 -15.46 -6.11 -5.01
C PRO B 95 -14.03 -6.03 -5.52
N PRO B 96 -13.70 -4.94 -6.22
CA PRO B 96 -12.41 -4.85 -6.92
C PRO B 96 -11.21 -4.60 -6.02
N TRP B 97 -11.35 -4.72 -4.70
CA TRP B 97 -10.24 -4.48 -3.78
C TRP B 97 -9.98 -5.70 -2.90
N THR B 98 -10.32 -6.88 -3.38
CA THR B 98 -9.97 -8.11 -2.70
C THR B 98 -8.55 -8.53 -3.08
N PHE B 99 -7.83 -9.06 -2.12
CA PHE B 99 -6.46 -9.52 -2.31
C PHE B 99 -6.37 -11.03 -2.13
N GLY B 100 -5.39 -11.62 -2.79
CA GLY B 100 -5.10 -13.01 -2.58
C GLY B 100 -4.41 -13.24 -1.25
N GLN B 101 -4.44 -14.49 -0.80
CA GLN B 101 -3.85 -14.84 0.49
C GLN B 101 -2.36 -14.55 0.53
N GLY B 102 -1.69 -14.55 -0.62
CA GLY B 102 -0.27 -14.30 -0.71
C GLY B 102 0.54 -15.59 -0.74
N THR B 103 1.68 -15.52 -1.45
CA THR B 103 2.63 -16.63 -1.50
C THR B 103 4.01 -16.11 -1.09
N LYS B 104 4.63 -16.77 -0.11
CA LYS B 104 5.97 -16.41 0.33
C LYS B 104 6.99 -17.12 -0.53
N VAL B 105 8.00 -16.38 -0.99
CA VAL B 105 9.12 -16.91 -1.75
C VAL B 105 10.36 -16.64 -0.91
N GLU B 106 10.87 -17.67 -0.26
CA GLU B 106 12.06 -17.61 0.57
C GLU B 106 13.17 -18.44 -0.05
N ILE B 107 14.39 -18.20 0.41
CA ILE B 107 15.55 -18.90 -0.12
C ILE B 107 15.62 -20.30 0.49
N LYS B 108 16.04 -21.27 -0.32
CA LYS B 108 16.21 -22.64 0.16
C LYS B 108 17.55 -22.76 0.87
N ARG B 109 17.50 -23.05 2.16
CA ARG B 109 18.70 -23.17 3.00
C ARG B 109 18.76 -24.59 3.54
N THR B 110 19.98 -25.11 3.69
CA THR B 110 20.17 -26.42 4.28
C THR B 110 19.82 -26.38 5.78
N VAL B 111 19.23 -27.48 6.25
CA VAL B 111 18.72 -27.54 7.62
C VAL B 111 19.83 -27.17 8.61
N ALA B 112 19.44 -26.52 9.71
CA ALA B 112 20.36 -26.18 10.79
C ALA B 112 19.75 -26.61 12.12
N ALA B 113 20.61 -26.72 13.12
CA ALA B 113 20.10 -27.20 14.40
C ALA B 113 19.93 -26.04 15.38
N PRO B 114 18.99 -26.17 16.32
CA PRO B 114 18.77 -25.10 17.30
C PRO B 114 19.83 -25.06 18.39
N SER B 115 20.72 -24.07 18.31
CA SER B 115 21.67 -23.81 19.39
C SER B 115 20.91 -23.27 20.60
N VAL B 116 20.88 -24.05 21.68
CA VAL B 116 20.10 -23.73 22.86
C VAL B 116 21.03 -23.25 23.97
N THR B 117 20.59 -22.22 24.69
CA THR B 117 21.30 -21.75 25.87
C THR B 117 20.28 -21.44 26.95
N LEU B 118 20.46 -21.99 28.14
CA LEU B 118 19.51 -21.83 29.22
C LEU B 118 20.18 -21.17 30.41
N PHE B 119 19.49 -20.21 31.02
CA PHE B 119 20.06 -19.53 32.17
C PHE B 119 19.18 -19.71 33.40
N PRO B 120 19.78 -19.81 34.58
CA PRO B 120 18.98 -19.88 35.81
C PRO B 120 18.54 -18.49 36.24
N PRO B 121 17.53 -18.40 37.11
CA PRO B 121 17.14 -17.07 37.63
C PRO B 121 18.28 -16.42 38.39
N SER B 122 18.65 -15.22 37.96
CA SER B 122 19.76 -14.50 38.56
C SER B 122 19.52 -14.26 40.03
N SER B 123 20.60 -13.92 40.74
CA SER B 123 20.50 -13.67 42.18
C SER B 123 19.66 -12.43 42.46
N GLU B 124 19.83 -11.38 41.65
CA GLU B 124 19.06 -10.15 41.88
C GLU B 124 17.58 -10.37 41.66
N GLU B 125 17.21 -11.29 40.76
CA GLU B 125 15.79 -11.55 40.53
C GLU B 125 15.17 -12.37 41.65
N LEU B 126 15.87 -13.39 42.13
CA LEU B 126 15.39 -14.11 43.31
C LEU B 126 15.33 -13.19 44.52
N GLN B 127 16.15 -12.15 44.54
CA GLN B 127 16.12 -11.19 45.63
C GLN B 127 14.75 -10.50 45.75
N ALA B 128 14.03 -10.38 44.64
CA ALA B 128 12.77 -9.64 44.60
C ALA B 128 11.56 -10.53 44.34
N ASN B 129 11.66 -11.82 44.70
CA ASN B 129 10.53 -12.76 44.66
C ASN B 129 9.96 -12.92 43.25
N LYS B 130 10.84 -13.07 42.27
CA LYS B 130 10.45 -13.50 40.93
C LYS B 130 11.51 -14.45 40.40
N ALA B 131 11.07 -15.39 39.57
CA ALA B 131 11.99 -16.34 38.93
C ALA B 131 11.67 -16.38 37.45
N THR B 132 12.69 -16.17 36.61
CA THR B 132 12.52 -16.31 35.17
C THR B 132 13.62 -17.22 34.63
N LEU B 133 13.23 -18.20 33.85
CA LEU B 133 14.16 -19.08 33.15
C LEU B 133 14.14 -18.68 31.68
N VAL B 134 15.30 -18.30 31.16
CA VAL B 134 15.47 -17.82 29.80
C VAL B 134 16.11 -18.94 28.98
N CYS B 135 15.42 -19.35 27.91
CA CYS B 135 15.82 -20.46 27.05
C CYS B 135 15.94 -19.87 25.65
N LEU B 136 17.16 -19.54 25.24
CA LEU B 136 17.43 -18.83 23.99
C LEU B 136 17.84 -19.81 22.92
N ILE B 137 17.10 -19.82 21.81
CA ILE B 137 17.33 -20.72 20.68
C ILE B 137 17.80 -19.86 19.51
N SER B 138 18.88 -20.29 18.85
CA SER B 138 19.40 -19.49 17.75
C SER B 138 20.00 -20.40 16.68
N ASP B 139 20.21 -19.82 15.49
CA ASP B 139 21.04 -20.42 14.45
C ASP B 139 20.43 -21.71 13.92
N PHE B 140 19.11 -21.72 13.69
CA PHE B 140 18.44 -22.90 13.19
C PHE B 140 17.65 -22.56 11.93
N TYR B 141 17.23 -23.62 11.23
CA TYR B 141 16.45 -23.54 9.99
C TYR B 141 15.76 -24.89 9.82
N PRO B 142 14.51 -24.92 9.35
CA PRO B 142 13.64 -23.79 9.01
C PRO B 142 13.02 -23.11 10.24
N GLY B 143 12.41 -21.95 10.04
CA GLY B 143 11.91 -21.15 11.15
C GLY B 143 10.71 -21.74 11.87
N ALA B 144 10.92 -22.85 12.58
CA ALA B 144 9.86 -23.50 13.33
C ALA B 144 10.41 -24.55 14.27
N VAL B 145 10.08 -24.43 15.56
CA VAL B 145 10.52 -25.41 16.56
C VAL B 145 9.38 -25.64 17.55
N THR B 146 9.68 -26.25 18.68
CA THR B 146 8.70 -26.43 19.75
C THR B 146 9.42 -26.47 21.08
N VAL B 147 8.80 -25.91 22.11
CA VAL B 147 9.41 -25.82 23.44
C VAL B 147 8.51 -26.53 24.44
N ALA B 148 9.14 -27.28 25.35
CA ALA B 148 8.44 -27.93 26.45
C ALA B 148 9.25 -27.75 27.72
N TRP B 149 8.55 -27.50 28.82
CA TRP B 149 9.18 -27.27 30.11
C TRP B 149 8.83 -28.41 31.07
N LYS B 150 9.79 -28.78 31.92
CA LYS B 150 9.48 -29.77 32.94
C LYS B 150 10.17 -29.45 34.26
N ALA B 151 9.40 -29.61 35.33
CA ALA B 151 9.91 -29.48 36.70
C ALA B 151 10.41 -30.84 37.15
N ASP B 152 11.72 -30.96 37.31
CA ASP B 152 12.40 -32.24 37.50
C ASP B 152 12.09 -33.15 36.30
N SER B 153 11.18 -34.11 36.50
CA SER B 153 10.70 -34.97 35.43
C SER B 153 9.17 -34.91 35.36
N SER B 154 8.62 -33.70 35.51
CA SER B 154 7.16 -33.48 35.48
C SER B 154 6.86 -32.32 34.54
N PRO B 155 6.53 -32.60 33.27
CA PRO B 155 6.27 -31.53 32.31
C PRO B 155 5.09 -30.65 32.72
N VAL B 156 5.29 -29.34 32.59
CA VAL B 156 4.28 -28.34 32.96
C VAL B 156 4.48 -27.11 32.08
N LYS B 157 3.41 -26.34 31.89
CA LYS B 157 3.44 -25.14 31.06
C LYS B 157 2.67 -24.01 31.75
N ALA B 158 2.92 -23.83 33.06
CA ALA B 158 2.21 -22.82 33.85
C ALA B 158 3.04 -21.54 33.88
N GLY B 159 2.68 -20.59 33.01
CA GLY B 159 3.38 -19.32 32.92
C GLY B 159 4.55 -19.34 31.96
N VAL B 160 4.31 -19.76 30.72
CA VAL B 160 5.35 -19.95 29.71
C VAL B 160 5.04 -19.06 28.52
N GLU B 161 5.98 -18.20 28.16
CA GLU B 161 5.90 -17.37 26.97
C GLU B 161 6.96 -17.84 25.97
N THR B 162 6.66 -17.67 24.67
CA THR B 162 7.56 -18.18 23.64
C THR B 162 7.47 -17.29 22.40
N THR B 163 8.62 -16.75 21.97
CA THR B 163 8.66 -15.94 20.76
C THR B 163 8.26 -16.76 19.55
N THR B 164 7.75 -16.08 18.52
CA THR B 164 7.71 -16.76 17.24
C THR B 164 9.11 -16.70 16.60
N PRO B 165 9.51 -17.75 15.89
CA PRO B 165 10.83 -17.74 15.24
C PRO B 165 11.01 -16.54 14.32
N SER B 166 12.08 -15.78 14.58
CA SER B 166 12.40 -14.56 13.83
C SER B 166 13.74 -14.75 13.13
N LYS B 167 13.78 -14.46 11.84
CA LYS B 167 14.96 -14.71 11.03
C LYS B 167 16.12 -13.80 11.44
N GLN B 168 17.31 -14.37 11.54
CA GLN B 168 18.50 -13.65 11.99
C GLN B 168 19.14 -12.91 10.82
N SER B 169 20.38 -12.48 11.01
CA SER B 169 21.17 -11.81 9.98
C SER B 169 21.86 -12.78 9.03
N ASN B 170 21.67 -14.09 9.22
CA ASN B 170 22.39 -15.11 8.46
C ASN B 170 21.45 -16.20 7.96
N ASN B 171 20.26 -15.81 7.50
CA ASN B 171 19.28 -16.71 6.89
C ASN B 171 18.84 -17.86 7.81
N LYS B 172 19.38 -17.91 9.02
CA LYS B 172 18.89 -18.82 10.05
C LYS B 172 17.97 -18.06 11.00
N TYR B 173 17.23 -18.81 11.81
CA TYR B 173 16.20 -18.25 12.66
C TYR B 173 16.62 -18.28 14.13
N ALA B 174 15.91 -17.49 14.94
CA ALA B 174 16.15 -17.41 16.38
C ALA B 174 14.83 -17.20 17.09
N ALA B 175 14.83 -17.46 18.39
CA ALA B 175 13.64 -17.34 19.23
C ALA B 175 14.08 -17.49 20.68
N SER B 176 13.12 -17.37 21.59
CA SER B 176 13.39 -17.51 23.00
C SER B 176 12.13 -17.95 23.71
N SER B 177 12.30 -18.45 24.93
CA SER B 177 11.18 -18.88 25.77
C SER B 177 11.47 -18.48 27.21
N TYR B 178 10.44 -17.96 27.88
CA TYR B 178 10.57 -17.43 29.23
C TYR B 178 9.58 -18.13 30.14
N LEU B 179 10.08 -18.79 31.18
CA LEU B 179 9.24 -19.42 32.18
C LEU B 179 9.29 -18.59 33.47
N SER B 180 8.14 -18.03 33.85
CA SER B 180 8.03 -17.22 35.06
C SER B 180 7.50 -18.10 36.19
N LEU B 181 8.38 -18.45 37.12
CA LEU B 181 8.05 -19.19 38.33
C LEU B 181 8.24 -18.29 39.54
N THR B 182 7.92 -18.85 40.70
CA THR B 182 8.18 -18.28 42.00
C THR B 182 9.48 -18.83 42.56
N PRO B 183 10.13 -18.12 43.50
CA PRO B 183 11.36 -18.67 44.11
C PRO B 183 11.15 -20.01 44.78
N GLU B 184 9.96 -20.24 45.36
CA GLU B 184 9.67 -21.54 45.94
C GLU B 184 9.68 -22.62 44.87
N GLN B 185 8.92 -22.43 43.80
CA GLN B 185 8.88 -23.42 42.72
C GLN B 185 10.26 -23.66 42.12
N TRP B 186 11.15 -22.66 42.19
CA TRP B 186 12.52 -22.84 41.72
C TRP B 186 13.34 -23.66 42.72
N LYS B 187 13.16 -23.41 44.01
CA LYS B 187 13.93 -24.07 45.06
C LYS B 187 13.26 -25.30 45.64
N SER B 188 11.95 -25.49 45.41
CA SER B 188 11.26 -26.66 45.95
C SER B 188 11.52 -27.92 45.15
N HIS B 189 11.68 -27.81 43.83
CA HIS B 189 12.01 -28.96 43.01
C HIS B 189 13.48 -28.92 42.63
N ARG B 190 14.00 -30.09 42.25
CA ARG B 190 15.45 -30.30 42.21
C ARG B 190 16.10 -29.67 40.98
N SER B 191 15.39 -29.58 39.86
CA SER B 191 15.94 -28.97 38.66
C SER B 191 14.78 -28.59 37.74
N TYR B 192 15.12 -27.91 36.64
CA TYR B 192 14.14 -27.55 35.61
C TYR B 192 14.78 -27.72 34.24
N SER B 193 13.99 -28.22 33.27
CA SER B 193 14.52 -28.58 31.97
C SER B 193 13.70 -27.97 30.84
N CYS B 194 14.41 -27.37 29.89
CA CYS B 194 13.84 -26.80 28.66
C CYS B 194 14.17 -27.73 27.50
N GLN B 195 13.15 -28.11 26.72
CA GLN B 195 13.29 -29.09 25.65
C GLN B 195 12.83 -28.46 24.34
N VAL B 196 13.74 -28.38 23.37
CA VAL B 196 13.48 -27.79 22.06
C VAL B 196 13.46 -28.91 21.03
N THR B 197 12.30 -29.09 20.39
CA THR B 197 12.12 -30.06 19.32
C THR B 197 12.18 -29.35 17.98
N HIS B 198 13.13 -29.76 17.14
CA HIS B 198 13.32 -29.19 15.81
C HIS B 198 13.50 -30.34 14.81
N GLU B 199 12.51 -30.52 13.94
CA GLU B 199 12.54 -31.56 12.90
C GLU B 199 12.78 -32.95 13.50
N GLY B 200 12.36 -33.13 14.75
CA GLY B 200 12.54 -34.40 15.43
C GLY B 200 13.58 -34.36 16.54
N SER B 201 14.65 -33.59 16.36
CA SER B 201 15.73 -33.55 17.35
C SER B 201 15.26 -32.82 18.60
N THR B 202 15.37 -33.50 19.75
CA THR B 202 14.91 -32.96 21.03
C THR B 202 16.14 -32.53 21.84
N VAL B 203 16.69 -31.37 21.47
CA VAL B 203 17.78 -30.78 22.25
C VAL B 203 17.22 -30.31 23.58
N GLU B 204 18.07 -30.26 24.61
CA GLU B 204 17.57 -29.98 25.94
C GLU B 204 18.66 -29.36 26.79
N LYS B 205 18.23 -28.51 27.72
CA LYS B 205 19.11 -27.97 28.75
C LYS B 205 18.39 -28.05 30.08
N THR B 206 19.17 -27.94 31.17
CA THR B 206 18.63 -28.10 32.52
C THR B 206 19.43 -27.22 33.47
N VAL B 207 18.77 -26.73 34.52
CA VAL B 207 19.43 -25.93 35.54
C VAL B 207 18.94 -26.34 36.92
N ALA B 208 19.74 -25.99 37.93
CA ALA B 208 19.52 -26.39 39.32
C ALA B 208 19.87 -25.24 40.24
N PRO B 209 19.17 -25.10 41.37
CA PRO B 209 19.46 -24.01 42.31
C PRO B 209 20.75 -24.26 43.08
N THR B 210 21.72 -23.35 42.93
CA THR B 210 22.99 -23.46 43.61
C THR B 210 23.46 -22.10 44.11
N THR C 15 -10.53 46.74 -31.90
CA THR C 15 -9.44 46.18 -32.69
C THR C 15 -8.55 45.27 -31.86
N ASN C 16 -9.10 44.70 -30.79
CA ASN C 16 -8.39 43.70 -30.02
C ASN C 16 -8.55 42.34 -30.67
N LEU C 17 -7.44 41.60 -30.76
CA LEU C 17 -7.44 40.31 -31.43
C LEU C 17 -7.89 39.22 -30.46
N CYS C 18 -8.84 38.39 -30.91
CA CYS C 18 -9.48 37.44 -30.02
C CYS C 18 -8.48 36.42 -29.49
N PRO C 19 -8.64 35.99 -28.24
CA PRO C 19 -7.66 35.13 -27.57
C PRO C 19 -7.80 33.65 -27.92
N PHE C 20 -7.30 33.29 -29.12
CA PHE C 20 -7.39 31.90 -29.55
C PHE C 20 -6.26 31.06 -28.97
N GLY C 21 -5.09 31.65 -28.76
CA GLY C 21 -4.02 30.93 -28.07
C GLY C 21 -4.41 30.52 -26.66
N GLU C 22 -5.33 31.27 -26.04
CA GLU C 22 -5.81 30.92 -24.70
C GLU C 22 -6.51 29.56 -24.69
N VAL C 23 -7.19 29.20 -25.77
CA VAL C 23 -7.95 27.96 -25.84
C VAL C 23 -7.14 26.85 -26.50
N PHE C 24 -6.51 27.15 -27.64
CA PHE C 24 -5.81 26.13 -28.40
C PHE C 24 -4.42 25.85 -27.83
N ASN C 25 -3.63 26.90 -27.62
CA ASN C 25 -2.27 26.77 -27.10
C ASN C 25 -2.22 26.70 -25.58
N ALA C 26 -3.30 26.24 -24.92
CA ALA C 26 -3.32 26.16 -23.46
C ALA C 26 -2.50 24.98 -22.98
N THR C 27 -2.07 25.06 -21.70
CA THR C 27 -1.19 24.04 -21.14
C THR C 27 -1.94 22.75 -20.81
N ARG C 28 -3.06 22.86 -20.11
CA ARG C 28 -3.89 21.71 -19.79
C ARG C 28 -5.31 21.93 -20.28
N PHE C 29 -5.98 20.82 -20.60
CA PHE C 29 -7.36 20.79 -21.04
C PHE C 29 -8.23 20.11 -19.99
N ALA C 30 -9.54 20.26 -20.14
CA ALA C 30 -10.50 19.70 -19.22
C ALA C 30 -10.84 18.25 -19.58
N SER C 31 -11.24 17.48 -18.57
CA SER C 31 -11.81 16.17 -18.82
C SER C 31 -13.17 16.33 -19.50
N VAL C 32 -13.47 15.38 -20.40
CA VAL C 32 -14.61 15.55 -21.30
C VAL C 32 -15.92 15.67 -20.53
N TYR C 33 -16.07 14.93 -19.43
CA TYR C 33 -17.31 15.00 -18.67
C TYR C 33 -17.58 16.41 -18.16
N ALA C 34 -16.52 17.18 -17.92
CA ALA C 34 -16.64 18.57 -17.51
C ALA C 34 -15.97 19.48 -18.55
N TRP C 35 -16.50 19.50 -19.77
CA TRP C 35 -15.91 20.31 -20.83
C TRP C 35 -15.88 21.78 -20.43
N ASN C 36 -14.83 22.47 -20.87
CA ASN C 36 -14.59 23.85 -20.47
C ASN C 36 -15.10 24.79 -21.56
N ARG C 37 -16.04 25.65 -21.20
CA ARG C 37 -16.60 26.63 -22.13
C ARG C 37 -15.93 27.99 -21.88
N LYS C 38 -15.11 28.42 -22.82
CA LYS C 38 -14.58 29.79 -22.83
C LYS C 38 -15.49 30.66 -23.69
N ARG C 39 -15.88 31.80 -23.17
CA ARG C 39 -16.69 32.75 -23.91
C ARG C 39 -15.79 33.77 -24.60
N ILE C 40 -16.16 34.19 -25.81
CA ILE C 40 -15.35 35.10 -26.60
C ILE C 40 -16.26 36.16 -27.20
N SER C 41 -15.96 37.42 -26.92
CA SER C 41 -16.76 38.53 -27.42
C SER C 41 -15.92 39.80 -27.33
N ASN C 42 -16.40 40.83 -28.03
CA ASN C 42 -15.75 42.14 -28.07
C ASN C 42 -14.30 42.03 -28.53
N CYS C 43 -14.13 41.50 -29.74
CA CYS C 43 -12.83 41.38 -30.38
C CYS C 43 -13.04 41.04 -31.84
N VAL C 44 -11.96 41.12 -32.62
CA VAL C 44 -11.99 40.84 -34.05
C VAL C 44 -11.20 39.56 -34.31
N ALA C 45 -11.81 38.62 -35.03
CA ALA C 45 -11.27 37.27 -35.19
C ALA C 45 -10.82 37.02 -36.62
N ASP C 46 -9.77 36.22 -36.75
CA ASP C 46 -9.27 35.74 -38.03
C ASP C 46 -9.27 34.21 -37.98
N TYR C 47 -10.32 33.60 -38.55
CA TYR C 47 -10.47 32.16 -38.54
C TYR C 47 -9.57 31.47 -39.56
N SER C 48 -9.11 32.21 -40.58
CA SER C 48 -8.22 31.62 -41.57
C SER C 48 -6.85 31.31 -40.99
N VAL C 49 -6.40 32.06 -39.98
CA VAL C 49 -5.17 31.72 -39.28
C VAL C 49 -5.27 30.34 -38.66
N LEU C 50 -6.37 30.09 -37.94
CA LEU C 50 -6.61 28.77 -37.36
C LEU C 50 -6.67 27.70 -38.43
N TYR C 51 -7.46 27.92 -39.49
CA TYR C 51 -7.58 26.89 -40.53
C TYR C 51 -6.26 26.64 -41.26
N ASN C 52 -5.36 27.62 -41.29
CA ASN C 52 -4.09 27.47 -41.98
C ASN C 52 -2.93 27.13 -41.05
N SER C 53 -3.19 26.92 -39.76
CA SER C 53 -2.18 26.29 -38.92
C SER C 53 -1.78 24.92 -39.44
N ALA C 54 -2.66 24.25 -40.21
CA ALA C 54 -2.38 23.08 -41.03
C ALA C 54 -1.91 21.86 -40.23
N SER C 55 -1.94 21.94 -38.90
CA SER C 55 -1.49 20.85 -38.05
C SER C 55 -2.65 20.17 -37.32
N PHE C 56 -3.88 20.38 -37.78
CA PHE C 56 -5.07 19.81 -37.14
C PHE C 56 -5.56 18.61 -37.92
N SER C 57 -5.73 17.48 -37.22
CA SER C 57 -6.21 16.26 -37.83
C SER C 57 -7.72 16.24 -38.03
N THR C 58 -8.45 17.18 -37.44
CA THR C 58 -9.88 17.32 -37.71
C THR C 58 -10.23 18.80 -37.70
N PHE C 59 -10.87 19.27 -38.78
CA PHE C 59 -11.30 20.66 -38.88
C PHE C 59 -12.53 20.69 -39.77
N LYS C 60 -13.66 20.28 -39.21
CA LYS C 60 -14.91 20.17 -39.98
C LYS C 60 -15.88 21.22 -39.50
N CYS C 61 -16.33 22.08 -40.42
CA CYS C 61 -17.25 23.16 -40.09
C CYS C 61 -18.62 22.85 -40.69
N TYR C 62 -19.64 22.89 -39.85
CA TYR C 62 -21.02 22.58 -40.23
C TYR C 62 -21.81 23.87 -40.26
N GLY C 63 -22.59 24.06 -41.34
CA GLY C 63 -23.43 25.23 -41.48
C GLY C 63 -22.71 26.48 -41.90
N VAL C 64 -21.42 26.40 -42.23
CA VAL C 64 -20.64 27.56 -42.64
C VAL C 64 -19.30 27.07 -43.16
N SER C 65 -18.58 27.93 -43.87
CA SER C 65 -17.28 27.55 -44.37
C SER C 65 -16.20 28.41 -43.72
N PRO C 66 -15.08 27.80 -43.30
CA PRO C 66 -14.00 28.61 -42.70
C PRO C 66 -13.35 29.55 -43.70
N THR C 67 -13.35 29.19 -44.99
CA THR C 67 -12.77 30.04 -46.01
C THR C 67 -13.46 31.40 -46.06
N LYS C 68 -14.79 31.40 -46.04
CA LYS C 68 -15.60 32.62 -45.99
C LYS C 68 -16.14 32.88 -44.60
N LEU C 69 -15.31 32.64 -43.58
CA LEU C 69 -15.74 32.81 -42.20
C LEU C 69 -15.36 34.15 -41.61
N ASN C 70 -14.26 34.75 -42.06
CA ASN C 70 -13.83 36.05 -41.56
C ASN C 70 -14.75 37.18 -41.98
N ASP C 71 -15.72 36.91 -42.85
CA ASP C 71 -16.66 37.92 -43.34
C ASP C 71 -18.00 37.86 -42.62
N LEU C 72 -18.00 37.41 -41.36
CA LEU C 72 -19.22 37.28 -40.58
C LEU C 72 -19.04 37.91 -39.21
N CYS C 73 -20.17 38.20 -38.55
CA CYS C 73 -20.18 38.80 -37.23
C CYS C 73 -21.22 38.11 -36.36
N PHE C 74 -20.84 37.81 -35.11
CA PHE C 74 -21.71 37.13 -34.17
C PHE C 74 -21.67 37.82 -32.82
N THR C 75 -22.78 37.72 -32.09
CA THR C 75 -22.85 38.27 -30.74
C THR C 75 -21.79 37.63 -29.84
N ASN C 76 -21.68 36.29 -29.87
CA ASN C 76 -20.70 35.59 -29.05
C ASN C 76 -20.15 34.39 -29.79
N VAL C 77 -18.95 33.96 -29.39
CA VAL C 77 -18.34 32.75 -29.91
C VAL C 77 -17.91 31.92 -28.71
N TYR C 78 -18.46 30.71 -28.59
CA TYR C 78 -18.13 29.82 -27.48
C TYR C 78 -17.17 28.74 -27.94
N ALA C 79 -16.12 28.52 -27.16
CA ALA C 79 -15.13 27.48 -27.43
C ALA C 79 -15.20 26.46 -26.31
N ASP C 80 -15.71 25.27 -26.61
CA ASP C 80 -15.75 24.19 -25.64
C ASP C 80 -14.57 23.26 -25.89
N SER C 81 -13.66 23.18 -24.93
CA SER C 81 -12.45 22.39 -25.05
C SER C 81 -12.51 21.20 -24.09
N PHE C 82 -11.91 20.08 -24.53
CA PHE C 82 -11.77 18.89 -23.69
C PHE C 82 -10.80 17.92 -24.36
N VAL C 83 -10.66 16.74 -23.75
CA VAL C 83 -9.75 15.69 -24.22
C VAL C 83 -10.49 14.37 -24.29
N ILE C 84 -10.36 13.67 -25.41
CA ILE C 84 -10.96 12.35 -25.59
C ILE C 84 -9.91 11.43 -26.22
N ARG C 85 -10.33 10.25 -26.68
CA ARG C 85 -9.41 9.34 -27.34
C ARG C 85 -9.75 9.23 -28.82
N GLY C 86 -8.74 8.87 -29.61
CA GLY C 86 -8.80 8.87 -31.06
C GLY C 86 -10.07 8.38 -31.71
N ASP C 87 -10.43 7.11 -31.50
CA ASP C 87 -11.61 6.55 -32.15
C ASP C 87 -12.91 7.22 -31.71
N GLU C 88 -12.85 8.11 -30.72
CA GLU C 88 -14.02 8.83 -30.25
C GLU C 88 -14.19 10.18 -30.92
N VAL C 89 -13.19 10.65 -31.67
CA VAL C 89 -13.31 11.95 -32.34
C VAL C 89 -14.48 11.96 -33.31
N ARG C 90 -14.79 10.81 -33.91
CA ARG C 90 -15.93 10.75 -34.83
C ARG C 90 -17.27 11.01 -34.14
N GLN C 91 -17.30 11.01 -32.80
CA GLN C 91 -18.53 11.30 -32.07
C GLN C 91 -18.79 12.78 -31.87
N ILE C 92 -17.80 13.64 -32.15
CA ILE C 92 -17.99 15.09 -32.04
C ILE C 92 -18.47 15.56 -33.41
N ALA C 93 -19.77 15.35 -33.66
CA ALA C 93 -20.43 15.74 -34.89
C ALA C 93 -21.93 15.66 -34.65
N PRO C 94 -22.73 16.35 -35.45
CA PRO C 94 -24.19 16.29 -35.26
C PRO C 94 -24.71 14.88 -35.47
N GLY C 95 -25.73 14.53 -34.69
CA GLY C 95 -26.42 13.26 -34.82
C GLY C 95 -25.55 12.02 -34.76
N GLN C 96 -24.81 11.85 -33.67
CA GLN C 96 -24.00 10.67 -33.47
C GLN C 96 -24.33 10.06 -32.11
N THR C 97 -23.88 8.81 -31.92
CA THR C 97 -24.10 8.08 -30.67
C THR C 97 -22.79 7.44 -30.21
N GLY C 98 -22.78 7.07 -28.94
CA GLY C 98 -21.58 6.58 -28.30
C GLY C 98 -21.60 6.99 -26.83
N LYS C 99 -20.58 6.53 -26.11
CA LYS C 99 -20.46 6.93 -24.70
C LYS C 99 -20.34 8.44 -24.59
N ILE C 100 -19.54 9.05 -25.46
CA ILE C 100 -19.27 10.49 -25.38
C ILE C 100 -20.54 11.28 -25.71
N ALA C 101 -21.04 11.12 -26.94
CA ALA C 101 -22.16 11.95 -27.39
C ALA C 101 -23.44 11.69 -26.60
N ASP C 102 -23.54 10.56 -25.92
CA ASP C 102 -24.74 10.29 -25.13
C ASP C 102 -24.59 10.70 -23.68
N TYR C 103 -23.39 10.62 -23.10
CA TYR C 103 -23.20 10.84 -21.68
C TYR C 103 -22.20 11.95 -21.34
N ASN C 104 -21.55 12.56 -22.33
CA ASN C 104 -20.47 13.49 -22.02
C ASN C 104 -20.57 14.83 -22.74
N TYR C 105 -20.90 14.86 -24.03
CA TYR C 105 -20.93 16.11 -24.78
C TYR C 105 -21.72 16.02 -26.08
N LYS C 106 -23.02 16.32 -26.04
CA LYS C 106 -23.88 16.15 -27.20
C LYS C 106 -23.94 17.44 -28.01
N LEU C 107 -23.62 17.36 -29.30
CA LEU C 107 -23.85 18.44 -30.26
C LEU C 107 -25.25 18.29 -30.88
N PRO C 108 -25.98 19.38 -31.07
CA PRO C 108 -27.32 19.28 -31.65
C PRO C 108 -27.23 18.87 -33.11
N ASP C 109 -28.38 18.42 -33.65
CA ASP C 109 -28.42 18.05 -35.06
C ASP C 109 -28.30 19.29 -35.94
N ASP C 110 -28.95 20.37 -35.54
CA ASP C 110 -28.92 21.63 -36.29
C ASP C 110 -27.71 22.46 -35.89
N PHE C 111 -26.53 21.87 -36.00
CA PHE C 111 -25.31 22.49 -35.48
C PHE C 111 -24.73 23.45 -36.51
N THR C 112 -24.52 24.69 -36.09
CA THR C 112 -23.82 25.70 -36.88
C THR C 112 -22.55 26.03 -36.10
N GLY C 113 -21.43 25.45 -36.51
CA GLY C 113 -20.20 25.64 -35.78
C GLY C 113 -19.06 24.91 -36.45
N CYS C 114 -18.02 24.62 -35.66
CA CYS C 114 -16.87 23.89 -36.15
C CYS C 114 -16.36 22.95 -35.07
N VAL C 115 -15.85 21.80 -35.50
CA VAL C 115 -15.17 20.84 -34.63
C VAL C 115 -13.72 20.75 -35.07
N ILE C 116 -12.81 21.01 -34.12
CA ILE C 116 -11.38 21.02 -34.36
C ILE C 116 -10.74 20.05 -33.37
N ALA C 117 -9.77 19.28 -33.84
CA ALA C 117 -9.16 18.25 -33.01
C ALA C 117 -7.77 17.93 -33.51
N TRP C 118 -6.87 17.66 -32.58
CA TRP C 118 -5.52 17.25 -32.96
C TRP C 118 -4.97 16.25 -31.94
N ASN C 119 -4.09 15.37 -32.42
CA ASN C 119 -3.55 14.29 -31.61
C ASN C 119 -2.54 14.83 -30.60
N SER C 120 -2.84 14.67 -29.31
CA SER C 120 -1.97 15.20 -28.26
C SER C 120 -1.28 14.08 -27.48
N ASN C 121 -0.70 13.11 -28.19
CA ASN C 121 -0.10 11.97 -27.50
C ASN C 121 1.16 12.34 -26.76
N ASN C 122 1.80 13.46 -27.11
CA ASN C 122 3.07 13.82 -26.48
C ASN C 122 2.87 14.57 -25.17
N LEU C 123 1.82 15.38 -25.05
CA LEU C 123 1.56 16.11 -23.83
C LEU C 123 0.76 15.31 -22.81
N ASP C 124 -0.11 14.41 -23.28
CA ASP C 124 -1.07 13.76 -22.41
C ASP C 124 -0.80 12.27 -22.26
N SER C 125 0.46 11.86 -22.30
CA SER C 125 0.84 10.48 -22.05
C SER C 125 2.16 10.46 -21.31
N LYS C 126 2.12 10.08 -20.04
CA LYS C 126 3.33 9.85 -19.27
C LYS C 126 3.77 8.40 -19.44
N VAL C 127 5.03 8.14 -19.10
CA VAL C 127 5.50 6.76 -19.04
C VAL C 127 4.75 6.05 -17.93
N GLY C 128 4.19 4.87 -18.25
CA GLY C 128 3.41 4.14 -17.29
C GLY C 128 1.95 4.55 -17.19
N GLY C 129 1.53 5.55 -17.95
CA GLY C 129 0.12 5.90 -18.00
C GLY C 129 -0.20 7.35 -17.64
N ASN C 130 -1.37 7.82 -18.08
CA ASN C 130 -1.89 9.13 -17.72
C ASN C 130 -3.38 8.93 -17.44
N TYR C 131 -3.72 8.76 -16.16
CA TYR C 131 -5.09 8.44 -15.77
C TYR C 131 -5.79 9.63 -15.14
N ASN C 132 -5.38 10.85 -15.51
CA ASN C 132 -5.97 12.07 -15.00
C ASN C 132 -7.17 12.55 -15.81
N TYR C 133 -7.34 12.05 -17.03
CA TYR C 133 -8.46 12.42 -17.89
C TYR C 133 -9.59 11.41 -17.70
N LEU C 134 -10.79 11.93 -17.44
CA LEU C 134 -11.94 11.11 -17.09
C LEU C 134 -13.05 11.24 -18.13
N TYR C 135 -14.01 10.32 -18.04
CA TYR C 135 -15.20 10.34 -18.88
C TYR C 135 -16.35 9.71 -18.11
N ARG C 136 -17.57 9.99 -18.55
CA ARG C 136 -18.77 9.48 -17.90
C ARG C 136 -19.26 8.23 -18.64
N LEU C 137 -19.31 7.11 -17.93
CA LEU C 137 -19.70 5.85 -18.55
C LEU C 137 -21.15 5.46 -18.28
N PHE C 138 -21.80 6.05 -17.29
CA PHE C 138 -23.17 5.68 -16.94
C PHE C 138 -24.00 6.93 -16.72
N ARG C 139 -25.26 6.87 -17.17
CA ARG C 139 -26.24 7.92 -16.95
C ARG C 139 -27.62 7.32 -17.17
N LYS C 140 -28.62 7.87 -16.48
CA LYS C 140 -29.97 7.34 -16.64
C LYS C 140 -30.57 7.71 -17.99
N SER C 141 -30.15 8.82 -18.58
CA SER C 141 -30.72 9.29 -19.84
C SER C 141 -29.66 10.09 -20.59
N ASN C 142 -29.86 10.20 -21.90
CA ASN C 142 -28.89 10.91 -22.74
C ASN C 142 -28.85 12.39 -22.39
N LEU C 143 -27.77 13.04 -22.83
CA LEU C 143 -27.60 14.48 -22.62
C LEU C 143 -28.31 15.26 -23.72
N LYS C 144 -28.97 16.35 -23.31
CA LYS C 144 -29.50 17.31 -24.26
C LYS C 144 -28.35 18.14 -24.84
N PRO C 145 -28.52 18.69 -26.05
CA PRO C 145 -27.40 19.36 -26.71
C PRO C 145 -26.77 20.44 -25.84
N PHE C 146 -25.44 20.35 -25.70
CA PHE C 146 -24.60 21.24 -24.90
C PHE C 146 -24.88 21.18 -23.40
N GLU C 147 -25.60 20.16 -22.93
CA GLU C 147 -25.76 19.96 -21.49
C GLU C 147 -24.45 19.50 -20.88
N ARG C 148 -24.32 19.67 -19.56
CA ARG C 148 -23.12 19.30 -18.83
C ARG C 148 -23.49 18.55 -17.56
N ASP C 149 -22.72 17.51 -17.24
CA ASP C 149 -22.97 16.70 -16.06
C ASP C 149 -21.65 16.38 -15.37
N ILE C 150 -21.59 16.67 -14.07
CA ILE C 150 -20.44 16.34 -13.25
C ILE C 150 -20.92 15.65 -11.98
N SER C 151 -22.13 15.10 -12.02
CA SER C 151 -22.69 14.39 -10.88
C SER C 151 -21.92 13.11 -10.63
N THR C 152 -21.34 12.98 -9.44
CA THR C 152 -20.65 11.76 -9.02
C THR C 152 -21.54 10.86 -8.18
N GLU C 153 -22.82 10.78 -8.50
CA GLU C 153 -23.75 9.93 -7.78
C GLU C 153 -23.65 8.50 -8.28
N ILE C 154 -23.75 7.54 -7.34
CA ILE C 154 -23.62 6.14 -7.69
C ILE C 154 -24.74 5.73 -8.65
N TYR C 155 -24.36 5.07 -9.75
CA TYR C 155 -25.31 4.71 -10.79
C TYR C 155 -25.89 3.32 -10.52
N GLN C 156 -27.21 3.23 -10.50
CA GLN C 156 -27.90 1.96 -10.30
C GLN C 156 -28.02 1.28 -11.66
N ALA C 157 -27.11 0.34 -11.93
CA ALA C 157 -27.14 -0.42 -13.18
C ALA C 157 -27.94 -1.70 -13.07
N GLY C 158 -28.20 -2.17 -11.85
CA GLY C 158 -28.93 -3.39 -11.63
C GLY C 158 -30.37 -3.14 -11.25
N SER C 159 -30.91 -4.01 -10.41
CA SER C 159 -32.28 -3.92 -9.94
C SER C 159 -32.38 -3.53 -8.48
N THR C 160 -31.26 -3.44 -7.78
CA THR C 160 -31.15 -3.26 -6.34
C THR C 160 -30.66 -1.85 -5.99
N PRO C 161 -31.14 -1.28 -4.89
CA PRO C 161 -30.74 0.09 -4.55
C PRO C 161 -29.29 0.16 -4.08
N CYS C 162 -28.64 1.29 -4.41
CA CYS C 162 -27.21 1.44 -4.15
C CYS C 162 -26.89 2.18 -2.87
N ASN C 163 -27.83 2.97 -2.33
CA ASN C 163 -27.65 3.68 -1.07
C ASN C 163 -26.41 4.58 -1.07
N GLY C 164 -26.00 5.04 -2.26
CA GLY C 164 -24.87 5.93 -2.38
C GLY C 164 -23.51 5.29 -2.18
N VAL C 165 -23.44 3.99 -1.96
CA VAL C 165 -22.19 3.27 -1.79
C VAL C 165 -22.06 2.26 -2.92
N GLU C 166 -20.86 2.13 -3.47
CA GLU C 166 -20.61 1.22 -4.58
C GLU C 166 -20.98 -0.22 -4.19
N GLY C 167 -21.20 -1.04 -5.20
CA GLY C 167 -21.56 -2.42 -4.96
C GLY C 167 -21.69 -3.21 -6.25
N PHE C 168 -22.21 -4.42 -6.12
CA PHE C 168 -22.47 -5.23 -7.29
C PHE C 168 -23.60 -4.62 -8.11
N ASN C 169 -23.32 -4.32 -9.39
CA ASN C 169 -24.25 -3.60 -10.26
C ASN C 169 -24.63 -2.24 -9.69
N CYS C 170 -23.72 -1.64 -8.93
CA CYS C 170 -23.88 -0.31 -8.35
C CYS C 170 -22.56 0.43 -8.60
N TYR C 171 -22.46 1.07 -9.74
CA TYR C 171 -21.18 1.53 -10.26
C TYR C 171 -20.95 3.00 -9.96
N PHE C 172 -19.70 3.41 -10.06
CA PHE C 172 -19.32 4.82 -9.98
C PHE C 172 -19.36 5.41 -11.38
N PRO C 173 -20.09 6.50 -11.63
CA PRO C 173 -20.40 6.88 -13.02
C PRO C 173 -19.21 7.40 -13.81
N LEU C 174 -18.11 7.77 -13.17
CA LEU C 174 -16.96 8.29 -13.90
C LEU C 174 -15.85 7.24 -13.97
N GLN C 175 -15.07 7.28 -15.05
CA GLN C 175 -14.01 6.33 -15.28
C GLN C 175 -12.81 7.03 -15.93
N SER C 176 -11.66 6.36 -15.89
CA SER C 176 -10.38 6.97 -16.26
C SER C 176 -9.94 6.50 -17.64
N TYR C 177 -9.21 7.38 -18.33
CA TYR C 177 -8.53 7.03 -19.57
C TYR C 177 -7.15 6.50 -19.26
N GLY C 178 -6.76 5.44 -19.97
CA GLY C 178 -5.40 4.96 -19.90
C GLY C 178 -4.59 5.47 -21.07
N PHE C 179 -4.00 6.64 -20.92
CA PHE C 179 -3.25 7.27 -22.00
C PHE C 179 -1.77 6.95 -21.82
N GLN C 180 -1.31 5.94 -22.55
CA GLN C 180 0.08 5.54 -22.60
C GLN C 180 0.70 5.90 -23.95
N PRO C 181 2.00 6.20 -23.99
CA PRO C 181 2.61 6.64 -25.25
C PRO C 181 2.70 5.56 -26.31
N THR C 182 2.27 4.33 -26.01
CA THR C 182 2.38 3.22 -26.94
C THR C 182 1.04 2.74 -27.48
N ASN C 183 -0.07 3.36 -27.07
CA ASN C 183 -1.38 2.92 -27.50
C ASN C 183 -1.54 3.07 -29.01
N GLY C 184 -2.56 2.40 -29.55
CA GLY C 184 -2.96 2.66 -30.91
C GLY C 184 -3.58 4.04 -31.04
N VAL C 185 -3.76 4.46 -32.30
CA VAL C 185 -4.36 5.77 -32.53
C VAL C 185 -5.76 5.83 -31.93
N GLY C 186 -6.47 4.71 -31.94
CA GLY C 186 -7.79 4.69 -31.33
C GLY C 186 -7.77 4.98 -29.84
N TYR C 187 -6.65 4.71 -29.18
CA TYR C 187 -6.51 4.95 -27.75
C TYR C 187 -5.41 5.96 -27.44
N GLN C 188 -5.05 6.83 -28.43
CA GLN C 188 -4.16 7.95 -28.14
C GLN C 188 -4.97 9.21 -27.83
N PRO C 189 -4.48 10.08 -26.96
CA PRO C 189 -5.28 11.24 -26.54
C PRO C 189 -5.36 12.31 -27.63
N TYR C 190 -6.56 12.82 -27.84
CA TYR C 190 -6.82 13.91 -28.78
C TYR C 190 -7.44 15.07 -28.02
N ARG C 191 -7.03 16.29 -28.38
CA ARG C 191 -7.60 17.50 -27.81
C ARG C 191 -8.60 18.10 -28.79
N VAL C 192 -9.75 18.51 -28.27
CA VAL C 192 -10.90 18.91 -29.07
C VAL C 192 -11.34 20.30 -28.64
N VAL C 193 -11.60 21.16 -29.63
CA VAL C 193 -12.20 22.47 -29.45
C VAL C 193 -13.41 22.57 -30.37
N VAL C 194 -14.56 22.90 -29.80
CA VAL C 194 -15.81 23.01 -30.54
C VAL C 194 -16.24 24.47 -30.49
N LEU C 195 -16.23 25.14 -31.64
CA LEU C 195 -16.64 26.53 -31.76
C LEU C 195 -18.12 26.58 -32.13
N SER C 196 -18.93 27.20 -31.28
CA SER C 196 -20.30 27.53 -31.62
C SER C 196 -20.44 29.05 -31.75
N PHE C 197 -21.23 29.48 -32.71
CA PHE C 197 -21.40 30.90 -33.04
C PHE C 197 -22.82 31.31 -32.67
N GLU C 198 -22.95 32.12 -31.62
CA GLU C 198 -24.26 32.58 -31.15
C GLU C 198 -24.54 33.95 -31.72
N LEU C 199 -25.64 34.08 -32.44
CA LEU C 199 -26.09 35.33 -33.06
C LEU C 199 -27.36 35.75 -32.33
N LEU C 200 -27.21 36.68 -31.38
CA LEU C 200 -28.29 37.12 -30.52
C LEU C 200 -28.92 38.40 -31.08
N HIS C 201 -30.00 38.83 -30.42
CA HIS C 201 -30.72 40.06 -30.81
C HIS C 201 -30.02 41.32 -30.33
N ALA C 202 -28.69 41.31 -30.29
CA ALA C 202 -27.87 42.40 -29.78
C ALA C 202 -26.81 42.75 -30.80
N PRO C 203 -26.11 43.89 -30.62
CA PRO C 203 -25.04 44.21 -31.57
C PRO C 203 -23.98 43.12 -31.62
N ALA C 204 -23.46 42.88 -32.82
CA ALA C 204 -22.43 41.88 -33.01
C ALA C 204 -21.11 42.37 -32.45
N THR C 205 -20.49 41.58 -31.56
CA THR C 205 -19.24 41.96 -30.93
C THR C 205 -18.03 41.16 -31.42
N VAL C 206 -18.23 40.11 -32.22
CA VAL C 206 -17.13 39.32 -32.76
C VAL C 206 -17.20 39.37 -34.27
N CYS C 207 -16.18 39.92 -34.90
CA CYS C 207 -16.18 40.16 -36.35
C CYS C 207 -14.84 39.73 -36.93
N GLY C 208 -14.58 40.15 -38.17
CA GLY C 208 -13.30 40.00 -38.80
C GLY C 208 -12.83 41.31 -39.40
N PRO C 209 -11.89 41.24 -40.35
CA PRO C 209 -11.39 42.44 -41.04
C PRO C 209 -12.45 43.13 -41.90
#